data_6WQY
#
_entry.id   6WQY
#
_cell.length_a   40.480
_cell.length_b   92.310
_cell.length_c   95.150
_cell.angle_alpha   90.00
_cell.angle_beta   90.00
_cell.angle_gamma   90.00
#
_symmetry.space_group_name_H-M   'P 21 21 21'
#
loop_
_entity.id
_entity.type
_entity.pdbx_description
1 polymer Cellulase
2 non-polymer 'MAGNESIUM ION'
3 non-polymer 'CHLORIDE ION'
4 water water
#
_entity_poly.entity_id   1
_entity_poly.type   'polypeptide(L)'
_entity_poly.pdbx_seq_one_letter_code
;MGSHHHHHHHHENLYFQSVSGETPLEIAVSLGLGWNLGNQLDAHNNGVADETSWGNAAATQALFDALANAGFTSVRIPVT
WLGHVGEAPDYTIDETYLNRVAEVVGYAESAGLNAIINIHHDGANSQYWLDIKDAATDETVNSAVKAQLAAMWTQIANRF
ADKGNFLVFEAMNEIHDGSWGWGDNRTDGGRQYAVLNEWNQVFVDAVRATGGNNQTRYLGVPGYVTNIDLTVENFVLPQD
VVDNRLMVAVHFYDPIDYTENADNIYSQWGHTADPSLKADWGDEDNVTGQFAKMKETFIDQGIPAYIGEMGCVHRADDLS
ESFRLYYLEYVCKAAKDYGMPPFYWDAGGDGTGTQSWALFNHATGEMLNNAQEVIDVMKRGIFTV
;
_entity_poly.pdbx_strand_id   A
#
# COMPACT_ATOMS: atom_id res chain seq x y z
N HIS A 7 0.20 29.33 -5.38
CA HIS A 7 0.70 29.31 -4.01
C HIS A 7 -0.44 29.08 -3.03
N HIS A 8 -0.76 27.81 -2.80
CA HIS A 8 -1.79 27.48 -1.83
C HIS A 8 -1.22 26.97 -0.51
N HIS A 9 0.10 26.79 -0.40
CA HIS A 9 0.64 26.13 0.77
C HIS A 9 0.42 27.00 2.01
N HIS A 10 0.45 26.34 3.17
CA HIS A 10 0.21 27.02 4.43
C HIS A 10 1.11 26.44 5.50
N HIS A 11 1.23 27.17 6.61
CA HIS A 11 2.09 26.71 7.69
C HIS A 11 1.50 25.50 8.38
N GLU A 12 2.38 24.69 8.97
CA GLU A 12 1.97 23.49 9.68
C GLU A 12 2.12 23.80 11.17
N ASN A 13 1.16 24.56 11.71
CA ASN A 13 1.20 25.01 13.09
C ASN A 13 0.60 23.94 14.01
N LEU A 14 1.20 22.75 13.93
CA LEU A 14 0.90 21.60 14.78
C LEU A 14 2.19 21.16 15.47
N TYR A 15 2.22 19.95 16.04
CA TYR A 15 3.41 19.52 16.76
C TYR A 15 3.84 18.09 16.46
N PHE A 16 2.95 17.12 16.64
CA PHE A 16 3.32 15.73 16.44
C PHE A 16 3.35 15.38 14.95
N GLN A 17 4.16 14.38 14.60
CA GLN A 17 4.23 13.89 13.23
C GLN A 17 2.83 13.59 12.72
N SER A 18 2.58 13.95 11.46
CA SER A 18 1.27 13.73 10.86
C SER A 18 1.36 13.81 9.34
N VAL A 19 0.43 13.14 8.67
CA VAL A 19 0.11 13.49 7.29
C VAL A 19 -0.54 14.87 7.30
N SER A 20 -0.27 15.67 6.29
CA SER A 20 -0.80 17.03 6.26
C SER A 20 -0.79 17.56 4.84
N GLY A 21 -1.52 18.67 4.63
CA GLY A 21 -1.60 19.31 3.34
C GLY A 21 -2.97 19.19 2.72
N GLU A 22 -3.29 20.16 1.84
CA GLU A 22 -4.51 20.12 1.05
C GLU A 22 -4.26 19.77 -0.40
N THR A 23 -3.04 20.02 -0.92
CA THR A 23 -2.72 19.76 -2.31
C THR A 23 -1.97 18.45 -2.45
N PRO A 24 -2.07 17.79 -3.61
CA PRO A 24 -1.37 16.51 -3.77
C PRO A 24 0.11 16.56 -3.46
N LEU A 25 0.81 17.60 -3.89
CA LEU A 25 2.25 17.64 -3.69
C LEU A 25 2.59 17.84 -2.21
N GLU A 26 1.79 18.63 -1.49
CA GLU A 26 2.04 18.83 -0.07
C GLU A 26 1.74 17.58 0.74
N ILE A 27 0.67 16.87 0.39
CA ILE A 27 0.37 15.60 1.04
C ILE A 27 1.51 14.62 0.80
N ALA A 28 2.02 14.60 -0.43
CA ALA A 28 3.13 13.71 -0.75
C ALA A 28 4.37 14.03 0.07
N VAL A 29 4.69 15.32 0.25
CA VAL A 29 5.82 15.69 1.08
C VAL A 29 5.67 15.12 2.47
N SER A 30 4.47 15.21 3.04
CA SER A 30 4.27 14.77 4.42
C SER A 30 4.44 13.27 4.54
N LEU A 31 4.17 12.50 3.48
CA LEU A 31 4.31 11.05 3.48
C LEU A 31 5.72 10.59 3.16
N GLY A 32 6.52 11.40 2.47
CA GLY A 32 7.93 11.11 2.29
C GLY A 32 8.21 9.79 1.59
N LEU A 33 9.12 9.01 2.19
CA LEU A 33 9.52 7.70 1.69
C LEU A 33 8.90 6.65 2.58
N GLY A 34 8.21 5.67 1.98
CA GLY A 34 7.51 4.66 2.75
C GLY A 34 8.14 3.28 2.67
N TRP A 35 7.68 2.42 3.59
CA TRP A 35 8.14 1.05 3.71
C TRP A 35 6.96 0.21 4.18
N ASN A 36 6.83 -1.00 3.60
CA ASN A 36 5.79 -1.94 3.98
C ASN A 36 6.31 -3.01 4.92
N LEU A 37 5.57 -3.22 6.00
CA LEU A 37 5.80 -4.34 6.93
C LEU A 37 5.14 -5.59 6.34
N GLY A 38 5.81 -6.20 5.36
CA GLY A 38 5.22 -7.26 4.58
C GLY A 38 5.47 -8.65 5.15
N ASN A 39 4.64 -9.60 4.70
CA ASN A 39 4.66 -10.98 5.23
C ASN A 39 4.65 -10.98 6.75
N GLN A 40 3.80 -10.12 7.32
CA GLN A 40 3.76 -9.86 8.76
C GLN A 40 2.30 -9.99 9.21
N LEU A 41 1.61 -8.88 9.53
CA LEU A 41 0.20 -9.00 9.89
C LEU A 41 -0.67 -9.40 8.70
N ASP A 42 -0.12 -9.32 7.49
CA ASP A 42 -0.77 -9.85 6.30
C ASP A 42 -0.71 -11.37 6.20
N ALA A 43 0.24 -12.01 6.88
CA ALA A 43 0.45 -13.44 6.75
C ALA A 43 -0.72 -14.21 7.35
N HIS A 44 -1.05 -15.32 6.73
CA HIS A 44 -2.15 -16.16 7.21
C HIS A 44 -1.84 -17.59 6.83
N ASN A 45 -2.31 -18.52 7.66
CA ASN A 45 -2.04 -19.94 7.47
C ASN A 45 -3.18 -20.70 8.10
N ASN A 46 -3.64 -21.73 7.39
CA ASN A 46 -4.73 -22.58 7.87
C ASN A 46 -5.97 -21.76 8.18
N GLY A 47 -6.23 -20.74 7.37
CA GLY A 47 -7.45 -19.96 7.45
C GLY A 47 -7.43 -18.80 8.43
N VAL A 48 -6.33 -18.58 9.15
CA VAL A 48 -6.28 -17.58 10.20
C VAL A 48 -5.03 -16.76 10.02
N ALA A 49 -5.18 -15.46 10.18
CA ALA A 49 -4.04 -14.57 10.26
C ALA A 49 -3.04 -15.11 11.27
N ASP A 50 -1.76 -15.09 10.91
CA ASP A 50 -0.72 -15.78 11.68
C ASP A 50 0.60 -15.05 11.36
N GLU A 51 0.90 -14.05 12.17
CA GLU A 51 1.96 -13.09 11.89
C GLU A 51 3.32 -13.72 11.66
N THR A 52 3.62 -14.82 12.34
CA THR A 52 4.95 -15.41 12.29
C THR A 52 5.03 -16.60 11.35
N SER A 53 4.02 -16.81 10.49
CA SER A 53 3.97 -18.01 9.68
C SER A 53 4.58 -17.87 8.29
N TRP A 54 4.95 -16.65 7.87
CA TRP A 54 5.53 -16.44 6.54
C TRP A 54 6.94 -15.87 6.66
N GLY A 55 7.75 -16.46 7.53
CA GLY A 55 9.16 -16.19 7.51
C GLY A 55 9.67 -15.08 8.39
N ASN A 56 8.80 -14.40 9.14
CA ASN A 56 9.22 -13.33 10.03
C ASN A 56 8.88 -13.66 11.48
N ALA A 57 9.76 -13.26 12.38
CA ALA A 57 9.42 -13.19 13.79
C ALA A 57 8.58 -11.93 14.04
N ALA A 58 8.00 -11.86 15.24
CA ALA A 58 7.07 -10.77 15.55
C ALA A 58 7.75 -9.42 15.46
N ALA A 59 7.03 -8.45 14.89
CA ALA A 59 7.54 -7.08 14.76
C ALA A 59 7.64 -6.42 16.13
N THR A 60 8.58 -5.46 16.24
CA THR A 60 8.93 -4.85 17.51
C THR A 60 9.11 -3.34 17.35
N GLN A 61 9.12 -2.65 18.50
CA GLN A 61 9.52 -1.25 18.52
C GLN A 61 10.90 -1.06 17.91
N ALA A 62 11.81 -2.00 18.16
CA ALA A 62 13.16 -1.87 17.66
C ALA A 62 13.19 -1.75 16.14
N LEU A 63 12.32 -2.48 15.45
CA LEU A 63 12.23 -2.34 13.99
C LEU A 63 11.84 -0.92 13.61
N PHE A 64 10.78 -0.39 14.23
CA PHE A 64 10.29 0.93 13.85
C PHE A 64 11.29 2.02 14.18
N ASP A 65 12.01 1.88 15.30
CA ASP A 65 13.07 2.82 15.60
C ASP A 65 14.13 2.79 14.51
N ALA A 66 14.47 1.59 14.03
CA ALA A 66 15.45 1.45 12.98
C ALA A 66 14.96 2.07 11.67
N LEU A 67 13.68 1.91 11.35
CA LEU A 67 13.15 2.52 10.13
C LEU A 67 13.27 4.03 10.18
N ALA A 68 12.91 4.63 11.33
CA ALA A 68 13.01 6.07 11.48
C ALA A 68 14.46 6.51 11.43
N ASN A 69 15.35 5.78 12.09
CA ASN A 69 16.76 6.15 12.06
C ASN A 69 17.33 6.08 10.66
N ALA A 70 16.83 5.16 9.84
CA ALA A 70 17.29 5.00 8.46
C ALA A 70 16.74 6.07 7.54
N GLY A 71 15.77 6.86 7.98
CA GLY A 71 15.23 7.95 7.20
C GLY A 71 13.92 7.69 6.49
N PHE A 72 13.25 6.59 6.78
CA PHE A 72 11.89 6.42 6.28
C PHE A 72 10.95 7.37 7.02
N THR A 73 9.88 7.76 6.32
CA THR A 73 8.88 8.70 6.83
C THR A 73 7.62 8.01 7.29
N SER A 74 7.22 6.95 6.58
CA SER A 74 5.90 6.35 6.72
C SER A 74 6.01 4.84 6.58
N VAL A 75 5.13 4.11 7.27
CA VAL A 75 5.08 2.65 7.16
C VAL A 75 3.67 2.21 6.82
N ARG A 76 3.55 1.37 5.80
CA ARG A 76 2.30 0.68 5.52
C ARG A 76 2.34 -0.66 6.23
N ILE A 77 1.28 -0.93 6.98
CA ILE A 77 1.10 -2.10 7.81
C ILE A 77 -0.07 -2.88 7.21
N PRO A 78 0.18 -3.77 6.26
CA PRO A 78 -0.90 -4.62 5.74
C PRO A 78 -1.42 -5.51 6.86
N VAL A 79 -2.74 -5.65 6.94
CA VAL A 79 -3.35 -6.48 7.97
C VAL A 79 -4.37 -7.41 7.32
N THR A 80 -4.15 -8.71 7.46
CA THR A 80 -5.14 -9.72 7.10
C THR A 80 -5.94 -10.06 8.35
N TRP A 81 -7.27 -10.11 8.21
CA TRP A 81 -8.17 -10.27 9.34
C TRP A 81 -8.85 -11.63 9.34
N LEU A 82 -8.52 -12.47 8.36
CA LEU A 82 -9.10 -13.79 8.23
C LEU A 82 -8.95 -14.58 9.52
N GLY A 83 -10.04 -15.24 9.91
CA GLY A 83 -10.06 -16.03 11.11
C GLY A 83 -10.21 -15.25 12.39
N HIS A 84 -10.33 -13.93 12.32
CA HIS A 84 -10.47 -13.07 13.49
C HIS A 84 -11.72 -12.21 13.44
N VAL A 85 -12.69 -12.55 12.59
CA VAL A 85 -13.92 -11.78 12.46
C VAL A 85 -15.11 -12.73 12.63
N GLY A 86 -16.04 -12.34 13.50
CA GLY A 86 -17.20 -13.14 13.78
C GLY A 86 -18.23 -13.09 12.66
N GLU A 87 -19.37 -13.72 12.94
CA GLU A 87 -20.43 -13.87 11.97
C GLU A 87 -21.29 -12.61 11.89
N ALA A 88 -22.09 -12.54 10.82
CA ALA A 88 -23.06 -11.47 10.67
C ALA A 88 -24.08 -11.54 11.81
N PRO A 89 -24.69 -10.41 12.19
CA PRO A 89 -24.55 -9.09 11.58
C PRO A 89 -23.43 -8.23 12.19
N ASP A 90 -22.85 -8.68 13.30
CA ASP A 90 -21.91 -7.82 14.00
C ASP A 90 -20.50 -7.87 13.43
N TYR A 91 -20.11 -8.99 12.84
CA TYR A 91 -18.75 -9.16 12.31
C TYR A 91 -17.72 -8.67 13.33
N THR A 92 -17.83 -9.18 14.56
CA THR A 92 -17.00 -8.67 15.64
C THR A 92 -15.56 -9.10 15.45
N ILE A 93 -14.64 -8.15 15.55
CA ILE A 93 -13.22 -8.44 15.42
C ILE A 93 -12.67 -8.91 16.76
N ASP A 94 -11.92 -10.01 16.76
N ASP A 94 -11.93 -10.02 16.72
CA ASP A 94 -11.30 -10.50 17.99
CA ASP A 94 -11.11 -10.49 17.83
C ASP A 94 -10.47 -9.40 18.65
C ASP A 94 -10.37 -9.34 18.47
N GLU A 95 -10.70 -9.17 19.95
N GLU A 95 -10.60 -9.14 19.77
CA GLU A 95 -10.14 -7.97 20.55
CA GLU A 95 -10.10 -7.95 20.44
C GLU A 95 -8.62 -8.06 20.67
C GLU A 95 -8.61 -8.04 20.73
N THR A 96 -8.08 -9.24 20.95
CA THR A 96 -6.63 -9.39 21.08
C THR A 96 -5.95 -9.13 19.74
N TYR A 97 -6.53 -9.58 18.63
CA TYR A 97 -5.91 -9.29 17.35
C TYR A 97 -5.93 -7.79 17.06
N LEU A 98 -7.05 -7.14 17.33
CA LEU A 98 -7.13 -5.69 17.17
C LEU A 98 -6.10 -5.00 18.06
N ASN A 99 -5.91 -5.50 19.28
CA ASN A 99 -4.86 -4.95 20.13
C ASN A 99 -3.49 -5.10 19.49
N ARG A 100 -3.21 -6.24 18.85
CA ARG A 100 -1.91 -6.40 18.19
C ARG A 100 -1.72 -5.38 17.08
N VAL A 101 -2.76 -5.15 16.28
CA VAL A 101 -2.66 -4.10 15.26
C VAL A 101 -2.34 -2.76 15.93
N ALA A 102 -3.01 -2.47 17.05
CA ALA A 102 -2.74 -1.24 17.78
C ALA A 102 -1.32 -1.19 18.33
N GLU A 103 -0.74 -2.34 18.71
CA GLU A 103 0.65 -2.34 19.15
C GLU A 103 1.57 -1.89 18.01
N VAL A 104 1.36 -2.42 16.82
CA VAL A 104 2.23 -2.10 15.70
C VAL A 104 2.02 -0.66 15.26
N VAL A 105 0.78 -0.18 15.20
CA VAL A 105 0.53 1.24 14.98
C VAL A 105 1.28 2.08 16.01
N GLY A 106 1.25 1.65 17.27
CA GLY A 106 1.93 2.38 18.33
C GLY A 106 3.43 2.41 18.18
N TYR A 107 4.01 1.35 17.63
CA TYR A 107 5.45 1.38 17.36
C TYR A 107 5.77 2.48 16.36
N ALA A 108 4.96 2.59 15.30
CA ALA A 108 5.18 3.63 14.31
C ALA A 108 5.00 5.01 14.94
N GLU A 109 3.95 5.18 15.75
CA GLU A 109 3.69 6.45 16.38
C GLU A 109 4.87 6.87 17.25
N SER A 110 5.34 5.94 18.09
N SER A 110 5.35 5.95 18.09
N SER A 110 5.36 5.95 18.08
CA SER A 110 6.43 6.21 19.01
CA SER A 110 6.42 6.33 19.02
CA SER A 110 6.42 6.25 19.02
C SER A 110 7.69 6.64 18.26
C SER A 110 7.75 6.58 18.31
C SER A 110 7.72 6.58 18.30
N ALA A 111 7.95 6.02 17.13
CA ALA A 111 9.13 6.30 16.33
C ALA A 111 8.98 7.53 15.45
N GLY A 112 7.85 8.22 15.49
CA GLY A 112 7.68 9.43 14.71
C GLY A 112 7.40 9.18 13.25
N LEU A 113 6.79 8.05 12.93
CA LEU A 113 6.45 7.68 11.56
C LEU A 113 4.95 7.83 11.34
N ASN A 114 4.58 8.12 10.09
CA ASN A 114 3.19 7.94 9.69
C ASN A 114 2.93 6.46 9.50
N ALA A 115 1.66 6.06 9.54
CA ALA A 115 1.28 4.65 9.44
C ALA A 115 0.02 4.50 8.61
N ILE A 116 -0.04 3.44 7.80
CA ILE A 116 -1.25 3.06 7.07
C ILE A 116 -1.64 1.67 7.53
N ILE A 117 -2.91 1.45 7.86
CA ILE A 117 -3.43 0.09 8.09
C ILE A 117 -4.54 -0.16 7.08
N ASN A 118 -4.78 -1.45 6.78
CA ASN A 118 -5.75 -1.78 5.73
C ASN A 118 -6.47 -3.09 6.08
N ILE A 119 -7.27 -3.54 5.11
CA ILE A 119 -7.75 -4.92 4.99
C ILE A 119 -6.99 -5.54 3.82
N HIS A 120 -6.23 -6.61 4.07
CA HIS A 120 -5.24 -7.07 3.10
C HIS A 120 -5.71 -8.36 2.45
N HIS A 121 -5.21 -9.54 2.86
CA HIS A 121 -5.50 -10.77 2.10
C HIS A 121 -6.92 -11.29 2.29
N ASP A 122 -7.75 -10.65 3.11
CA ASP A 122 -9.17 -10.93 3.05
C ASP A 122 -9.70 -10.80 1.63
N GLY A 123 -9.10 -9.91 0.84
CA GLY A 123 -9.49 -9.71 -0.53
C GLY A 123 -8.68 -10.50 -1.55
N ALA A 124 -7.81 -11.41 -1.13
CA ALA A 124 -6.94 -12.07 -2.10
C ALA A 124 -7.76 -12.90 -3.08
N ASN A 125 -7.65 -12.56 -4.36
CA ASN A 125 -8.15 -13.36 -5.47
C ASN A 125 -9.66 -13.58 -5.44
N SER A 126 -10.39 -12.78 -4.68
N SER A 126 -10.40 -12.79 -4.67
CA SER A 126 -11.83 -12.97 -4.55
CA SER A 126 -11.84 -12.94 -4.50
C SER A 126 -12.20 -14.31 -3.95
C SER A 126 -12.21 -14.30 -3.91
N GLN A 127 -11.28 -14.95 -3.22
CA GLN A 127 -11.51 -16.31 -2.74
C GLN A 127 -12.02 -16.38 -1.30
N TYR A 128 -12.12 -15.24 -0.60
CA TYR A 128 -12.65 -15.19 0.76
C TYR A 128 -13.88 -14.29 0.79
N TRP A 129 -14.21 -13.71 1.95
CA TRP A 129 -15.49 -12.99 2.07
C TRP A 129 -15.54 -11.77 1.16
N LEU A 130 -14.42 -11.11 0.93
CA LEU A 130 -14.36 -9.87 0.16
C LEU A 130 -14.28 -10.29 -1.29
N ASP A 131 -15.45 -10.49 -1.93
CA ASP A 131 -15.61 -11.27 -3.16
C ASP A 131 -16.26 -10.46 -4.26
N ILE A 132 -15.43 -9.79 -5.05
N ILE A 132 -15.44 -9.81 -5.07
CA ILE A 132 -15.93 -8.90 -6.11
CA ILE A 132 -15.99 -8.91 -6.08
C ILE A 132 -16.62 -9.69 -7.22
C ILE A 132 -16.62 -9.68 -7.23
N LYS A 133 -16.15 -10.90 -7.52
CA LYS A 133 -16.72 -11.63 -8.64
C LYS A 133 -18.21 -11.89 -8.42
N ASP A 134 -18.55 -12.43 -7.24
N ASP A 134 -18.55 -12.41 -7.24
CA ASP A 134 -19.95 -12.74 -6.96
CA ASP A 134 -19.94 -12.73 -6.94
C ASP A 134 -20.73 -11.51 -6.51
C ASP A 134 -20.73 -11.51 -6.50
N ALA A 135 -20.08 -10.53 -5.88
CA ALA A 135 -20.80 -9.31 -5.53
C ALA A 135 -21.33 -8.61 -6.77
N ALA A 136 -20.62 -8.72 -7.88
CA ALA A 136 -21.03 -8.05 -9.11
C ALA A 136 -22.17 -8.78 -9.81
N THR A 137 -22.48 -10.03 -9.45
CA THR A 137 -23.58 -10.76 -10.05
C THR A 137 -24.72 -11.02 -9.08
N ASP A 138 -24.55 -10.85 -7.79
CA ASP A 138 -25.54 -11.25 -6.80
C ASP A 138 -25.66 -10.13 -5.78
N GLU A 139 -26.78 -9.43 -5.79
CA GLU A 139 -27.00 -8.31 -4.88
C GLU A 139 -26.94 -8.74 -3.42
N THR A 140 -27.32 -9.99 -3.11
CA THR A 140 -27.24 -10.46 -1.73
C THR A 140 -25.79 -10.55 -1.27
N VAL A 141 -24.91 -11.03 -2.14
CA VAL A 141 -23.48 -11.06 -1.81
C VAL A 141 -22.95 -9.64 -1.67
N ASN A 142 -23.29 -8.75 -2.62
CA ASN A 142 -22.80 -7.38 -2.53
C ASN A 142 -23.23 -6.75 -1.20
N SER A 143 -24.47 -6.97 -0.78
CA SER A 143 -24.94 -6.42 0.48
C SER A 143 -24.15 -6.99 1.65
N ALA A 144 -23.89 -8.30 1.65
CA ALA A 144 -23.14 -8.92 2.74
C ALA A 144 -21.70 -8.42 2.80
N VAL A 145 -21.05 -8.25 1.64
CA VAL A 145 -19.70 -7.72 1.62
C VAL A 145 -19.68 -6.32 2.20
N LYS A 146 -20.62 -5.48 1.77
CA LYS A 146 -20.68 -4.12 2.27
C LYS A 146 -20.96 -4.10 3.77
N ALA A 147 -21.84 -4.97 4.24
CA ALA A 147 -22.14 -5.00 5.68
C ALA A 147 -20.91 -5.35 6.49
N GLN A 148 -20.13 -6.33 6.01
CA GLN A 148 -18.90 -6.71 6.71
C GLN A 148 -17.85 -5.60 6.65
N LEU A 149 -17.66 -5.01 5.46
N LEU A 149 -17.69 -5.00 5.47
CA LEU A 149 -16.74 -3.89 5.34
CA LEU A 149 -16.74 -3.90 5.32
C LEU A 149 -17.10 -2.79 6.34
C LEU A 149 -17.08 -2.75 6.27
N ALA A 150 -18.36 -2.38 6.35
CA ALA A 150 -18.76 -1.27 7.21
C ALA A 150 -18.59 -1.64 8.68
N ALA A 151 -18.96 -2.86 9.06
CA ALA A 151 -18.86 -3.26 10.47
C ALA A 151 -17.41 -3.34 10.90
N MET A 152 -16.54 -3.92 10.07
CA MET A 152 -15.13 -4.00 10.41
C MET A 152 -14.51 -2.61 10.51
N TRP A 153 -14.75 -1.77 9.51
CA TRP A 153 -14.15 -0.44 9.53
C TRP A 153 -14.71 0.42 10.66
N THR A 154 -15.98 0.22 11.05
CA THR A 154 -16.48 0.93 12.23
C THR A 154 -15.67 0.57 13.46
N GLN A 155 -15.43 -0.73 13.66
CA GLN A 155 -14.66 -1.17 14.82
C GLN A 155 -13.21 -0.68 14.75
N ILE A 156 -12.59 -0.75 13.58
CA ILE A 156 -11.19 -0.30 13.46
C ILE A 156 -11.11 1.19 13.72
N ALA A 157 -12.01 1.95 13.10
CA ALA A 157 -12.02 3.40 13.30
C ALA A 157 -12.24 3.75 14.76
N ASN A 158 -13.17 3.06 15.43
CA ASN A 158 -13.43 3.36 16.83
C ASN A 158 -12.21 3.05 17.69
N ARG A 159 -11.49 1.98 17.37
CA ARG A 159 -10.33 1.58 18.17
C ARG A 159 -9.20 2.59 18.06
N PHE A 160 -9.15 3.34 16.97
CA PHE A 160 -8.10 4.33 16.71
C PHE A 160 -8.63 5.76 16.72
N ALA A 161 -9.79 5.97 17.35
CA ALA A 161 -10.45 7.27 17.29
C ALA A 161 -9.58 8.36 17.92
N ASP A 162 -8.74 8.01 18.87
CA ASP A 162 -7.90 8.99 19.55
C ASP A 162 -6.63 9.33 18.78
N LYS A 163 -6.33 8.64 17.69
CA LYS A 163 -5.07 8.87 16.98
C LYS A 163 -5.18 10.04 16.01
N GLY A 164 -4.12 10.82 15.94
CA GLY A 164 -4.05 11.92 15.00
C GLY A 164 -3.78 11.46 13.58
N ASN A 165 -3.49 12.45 12.74
CA ASN A 165 -3.41 12.22 11.30
C ASN A 165 -2.09 11.60 10.86
N PHE A 166 -1.22 11.18 11.79
CA PHE A 166 -0.14 10.27 11.39
C PHE A 166 -0.72 8.97 10.84
N LEU A 167 -1.93 8.60 11.27
CA LEU A 167 -2.53 7.30 10.97
C LEU A 167 -3.55 7.45 9.85
N VAL A 168 -3.33 6.66 8.80
CA VAL A 168 -4.16 6.58 7.61
C VAL A 168 -4.85 5.23 7.57
N PHE A 169 -6.11 5.20 7.15
CA PHE A 169 -6.81 3.95 6.87
C PHE A 169 -6.90 3.77 5.35
N GLU A 170 -6.54 2.57 4.86
CA GLU A 170 -6.64 2.20 3.44
C GLU A 170 -7.71 1.11 3.33
N ALA A 171 -8.72 1.34 2.49
CA ALA A 171 -9.95 0.56 2.54
C ALA A 171 -9.71 -0.94 2.39
N MET A 172 -8.88 -1.31 1.42
CA MET A 172 -8.61 -2.69 1.03
C MET A 172 -7.39 -2.65 0.14
N ASN A 173 -6.96 -3.85 -0.32
CA ASN A 173 -5.68 -4.03 -0.97
C ASN A 173 -5.83 -4.16 -2.49
N GLU A 174 -5.78 -5.39 -3.02
CA GLU A 174 -5.76 -5.66 -4.46
C GLU A 174 -6.99 -6.45 -4.81
N ILE A 175 -7.99 -5.78 -5.34
CA ILE A 175 -9.29 -6.37 -5.61
C ILE A 175 -9.37 -6.78 -7.08
N HIS A 176 -9.62 -8.08 -7.30
CA HIS A 176 -9.83 -8.61 -8.64
C HIS A 176 -10.61 -9.90 -8.51
N ASP A 177 -11.20 -10.33 -9.62
CA ASP A 177 -12.12 -11.46 -9.60
C ASP A 177 -11.46 -12.82 -9.67
N GLY A 178 -10.13 -12.87 -9.58
CA GLY A 178 -9.35 -14.08 -9.73
C GLY A 178 -8.38 -14.00 -10.90
N SER A 179 -8.73 -13.22 -11.92
CA SER A 179 -7.93 -13.12 -13.13
C SER A 179 -7.01 -11.92 -13.18
N TRP A 180 -6.80 -11.23 -12.05
CA TRP A 180 -5.71 -10.28 -11.92
C TRP A 180 -5.81 -9.13 -12.91
N GLY A 181 -7.02 -8.72 -13.25
CA GLY A 181 -7.26 -7.62 -14.17
C GLY A 181 -7.61 -8.03 -15.57
N TRP A 182 -7.52 -9.30 -15.89
CA TRP A 182 -7.79 -9.82 -17.23
C TRP A 182 -8.88 -10.86 -17.15
N GLY A 183 -9.95 -10.52 -16.43
CA GLY A 183 -11.10 -11.38 -16.27
C GLY A 183 -12.38 -10.73 -16.74
N ASP A 184 -13.47 -11.00 -16.02
CA ASP A 184 -14.77 -10.48 -16.42
C ASP A 184 -14.86 -8.97 -16.22
N ASN A 185 -13.93 -8.37 -15.49
CA ASN A 185 -13.90 -6.93 -15.37
C ASN A 185 -13.75 -6.26 -16.73
N ARG A 186 -13.14 -6.94 -17.70
CA ARG A 186 -12.90 -6.35 -19.00
C ARG A 186 -14.12 -6.44 -19.90
N THR A 187 -15.04 -7.35 -19.63
CA THR A 187 -16.11 -7.68 -20.55
C THR A 187 -17.51 -7.50 -19.98
N ASP A 188 -17.65 -7.17 -18.71
CA ASP A 188 -18.97 -7.19 -18.06
C ASP A 188 -19.71 -5.88 -18.16
N GLY A 189 -19.21 -4.93 -18.94
CA GLY A 189 -19.86 -3.64 -19.06
C GLY A 189 -19.53 -2.65 -17.97
N GLY A 190 -18.64 -3.00 -17.06
CA GLY A 190 -18.20 -2.10 -16.02
C GLY A 190 -18.73 -2.43 -14.64
N ARG A 191 -19.46 -3.53 -14.45
CA ARG A 191 -20.09 -3.76 -13.16
C ARG A 191 -19.07 -3.95 -12.04
N GLN A 192 -18.06 -4.79 -12.25
CA GLN A 192 -17.08 -4.98 -11.20
C GLN A 192 -16.42 -3.65 -10.83
N TYR A 193 -16.07 -2.81 -11.82
CA TYR A 193 -15.46 -1.53 -11.47
C TYR A 193 -16.40 -0.70 -10.62
N ALA A 194 -17.69 -0.73 -10.96
CA ALA A 194 -18.68 0.04 -10.22
C ALA A 194 -18.83 -0.49 -8.79
N VAL A 195 -18.82 -1.81 -8.63
CA VAL A 195 -18.93 -2.38 -7.30
C VAL A 195 -17.75 -1.96 -6.42
N LEU A 196 -16.53 -2.01 -6.95
CA LEU A 196 -15.38 -1.57 -6.16
C LEU A 196 -15.54 -0.11 -5.76
N ASN A 197 -16.00 0.74 -6.67
CA ASN A 197 -16.23 2.13 -6.32
C ASN A 197 -17.29 2.25 -5.22
N GLU A 198 -18.33 1.42 -5.26
CA GLU A 198 -19.33 1.41 -4.21
C GLU A 198 -18.72 1.00 -2.87
N TRP A 199 -17.86 -0.02 -2.88
CA TRP A 199 -17.23 -0.47 -1.65
C TRP A 199 -16.37 0.62 -1.03
N ASN A 200 -15.62 1.36 -1.86
CA ASN A 200 -14.82 2.44 -1.32
C ASN A 200 -15.71 3.49 -0.67
N GLN A 201 -16.87 3.77 -1.27
CA GLN A 201 -17.80 4.72 -0.67
C GLN A 201 -18.33 4.22 0.68
N VAL A 202 -18.64 2.92 0.76
CA VAL A 202 -19.09 2.34 2.03
C VAL A 202 -18.03 2.52 3.11
N PHE A 203 -16.77 2.26 2.77
CA PHE A 203 -15.65 2.46 3.70
C PHE A 203 -15.57 3.90 4.16
N VAL A 204 -15.56 4.86 3.22
CA VAL A 204 -15.46 6.26 3.62
C VAL A 204 -16.61 6.62 4.55
N ASP A 205 -17.83 6.26 4.17
CA ASP A 205 -18.99 6.63 4.98
C ASP A 205 -18.89 6.04 6.37
N ALA A 206 -18.46 4.79 6.49
CA ALA A 206 -18.39 4.14 7.79
C ALA A 206 -17.35 4.80 8.68
N VAL A 207 -16.19 5.14 8.12
CA VAL A 207 -15.15 5.81 8.91
C VAL A 207 -15.64 7.18 9.36
N ARG A 208 -16.19 7.96 8.43
CA ARG A 208 -16.61 9.32 8.78
C ARG A 208 -17.71 9.31 9.83
N ALA A 209 -18.60 8.32 9.79
CA ALA A 209 -19.73 8.27 10.72
C ALA A 209 -19.27 8.13 12.16
N THR A 210 -18.05 7.63 12.40
CA THR A 210 -17.57 7.51 13.77
C THR A 210 -17.17 8.85 14.38
N GLY A 211 -17.04 9.89 13.57
CA GLY A 211 -16.84 11.23 14.10
C GLY A 211 -15.44 11.48 14.63
N GLY A 212 -15.31 12.60 15.32
CA GLY A 212 -14.07 12.94 15.96
C GLY A 212 -12.95 13.08 14.96
N ASN A 213 -11.77 12.60 15.35
N ASN A 213 -11.76 12.61 15.35
CA ASN A 213 -10.60 12.65 14.47
CA ASN A 213 -10.62 12.71 14.44
C ASN A 213 -10.86 11.90 13.17
C ASN A 213 -10.85 11.90 13.17
N ASN A 214 -11.71 10.87 13.21
CA ASN A 214 -11.98 10.11 11.99
C ASN A 214 -12.72 10.91 10.93
N GLN A 215 -13.31 12.06 11.29
CA GLN A 215 -13.97 12.89 10.30
C GLN A 215 -12.99 13.54 9.34
N THR A 216 -11.75 13.76 9.79
CA THR A 216 -10.76 14.51 9.01
C THR A 216 -9.49 13.71 8.75
N ARG A 217 -9.51 12.41 9.01
CA ARG A 217 -8.36 11.54 8.76
C ARG A 217 -8.15 11.34 7.27
N TYR A 218 -6.88 11.24 6.85
CA TYR A 218 -6.58 10.87 5.47
C TYR A 218 -6.87 9.38 5.27
N LEU A 219 -7.53 9.06 4.16
CA LEU A 219 -7.90 7.70 3.83
C LEU A 219 -7.36 7.35 2.44
N GLY A 220 -7.00 6.08 2.26
CA GLY A 220 -6.59 5.56 0.95
C GLY A 220 -7.68 4.68 0.37
N VAL A 221 -7.91 4.83 -0.93
CA VAL A 221 -8.92 4.07 -1.66
C VAL A 221 -8.32 3.57 -2.97
N PRO A 222 -8.41 2.27 -3.27
CA PRO A 222 -7.76 1.76 -4.48
C PRO A 222 -8.67 1.64 -5.69
N GLY A 223 -8.03 1.55 -6.85
CA GLY A 223 -8.67 1.10 -8.06
C GLY A 223 -8.48 -0.40 -8.26
N TYR A 224 -9.04 -0.90 -9.35
CA TYR A 224 -9.08 -2.33 -9.59
C TYR A 224 -7.68 -2.92 -9.69
N VAL A 225 -7.45 -3.96 -8.89
CA VAL A 225 -6.18 -4.68 -8.75
C VAL A 225 -4.99 -3.75 -8.59
N THR A 226 -5.22 -2.57 -8.02
CA THR A 226 -4.21 -1.52 -7.84
C THR A 226 -3.41 -1.25 -9.13
N ASN A 227 -4.05 -1.43 -10.28
CA ASN A 227 -3.39 -1.24 -11.56
C ASN A 227 -3.57 0.20 -12.04
N ILE A 228 -2.47 0.85 -12.43
CA ILE A 228 -2.57 2.26 -12.83
C ILE A 228 -3.58 2.46 -13.95
N ASP A 229 -3.52 1.65 -15.00
N ASP A 229 -3.50 1.66 -15.01
CA ASP A 229 -4.42 1.90 -16.13
CA ASP A 229 -4.39 1.84 -16.16
C ASP A 229 -5.87 1.69 -15.75
C ASP A 229 -5.85 1.70 -15.74
N LEU A 230 -6.18 0.61 -15.05
CA LEU A 230 -7.56 0.37 -14.66
C LEU A 230 -8.07 1.40 -13.66
N THR A 231 -7.16 1.97 -12.87
CA THR A 231 -7.51 3.02 -11.92
C THR A 231 -7.82 4.32 -12.65
N VAL A 232 -6.91 4.80 -13.51
N VAL A 232 -6.89 4.79 -13.48
CA VAL A 232 -7.21 6.06 -14.19
CA VAL A 232 -7.13 6.00 -14.27
C VAL A 232 -8.45 5.92 -15.06
C VAL A 232 -8.44 5.90 -15.03
N GLU A 233 -8.71 4.74 -15.63
CA GLU A 233 -9.85 4.59 -16.52
C GLU A 233 -11.17 4.43 -15.78
N ASN A 234 -11.18 3.81 -14.60
CA ASN A 234 -12.44 3.37 -14.00
C ASN A 234 -12.66 3.82 -12.56
N PHE A 235 -11.64 4.27 -11.84
CA PHE A 235 -11.82 4.71 -10.46
C PHE A 235 -12.69 5.96 -10.41
N VAL A 236 -13.56 6.02 -9.42
CA VAL A 236 -14.37 7.21 -9.13
C VAL A 236 -14.09 7.62 -7.69
N LEU A 237 -13.69 8.85 -7.49
CA LEU A 237 -13.41 9.33 -6.15
C LEU A 237 -14.69 9.35 -5.32
N PRO A 238 -14.70 8.73 -4.13
CA PRO A 238 -15.90 8.77 -3.31
C PRO A 238 -16.26 10.20 -2.92
N GLN A 239 -17.54 10.39 -2.65
CA GLN A 239 -17.99 11.61 -1.97
C GLN A 239 -17.52 11.60 -0.52
N ASP A 240 -17.25 12.78 0.01
CA ASP A 240 -16.72 12.90 1.36
C ASP A 240 -17.31 14.14 2.01
N VAL A 241 -17.25 14.15 3.35
CA VAL A 241 -17.76 15.27 4.14
C VAL A 241 -16.72 16.36 4.38
N VAL A 242 -15.47 16.12 3.99
CA VAL A 242 -14.35 17.05 4.11
C VAL A 242 -13.63 16.98 2.77
N ASP A 243 -12.90 18.03 2.44
CA ASP A 243 -12.16 18.05 1.19
C ASP A 243 -10.73 17.53 1.40
N ASN A 244 -10.18 16.96 0.34
CA ASN A 244 -8.75 16.68 0.25
C ASN A 244 -8.26 15.68 1.29
N ARG A 245 -9.09 14.70 1.63
CA ARG A 245 -8.68 13.68 2.60
C ARG A 245 -8.82 12.27 2.04
N LEU A 246 -8.98 12.12 0.73
CA LEU A 246 -9.01 10.81 0.08
C LEU A 246 -7.86 10.74 -0.91
N MET A 247 -7.07 9.67 -0.81
CA MET A 247 -5.89 9.47 -1.64
C MET A 247 -6.06 8.20 -2.45
N VAL A 248 -5.77 8.27 -3.75
CA VAL A 248 -5.87 7.11 -4.63
C VAL A 248 -4.64 6.23 -4.44
N ALA A 249 -4.88 4.96 -4.12
CA ALA A 249 -3.79 3.99 -3.92
C ALA A 249 -3.58 3.18 -5.18
N VAL A 250 -2.32 3.10 -5.66
CA VAL A 250 -1.93 2.19 -6.74
C VAL A 250 -0.70 1.42 -6.29
N HIS A 251 -0.45 0.30 -6.97
CA HIS A 251 0.78 -0.46 -6.78
C HIS A 251 1.55 -0.48 -8.10
N PHE A 252 2.88 -0.54 -8.01
CA PHE A 252 3.71 -0.44 -9.21
C PHE A 252 4.94 -1.31 -9.07
N TYR A 253 4.96 -2.41 -9.81
CA TYR A 253 6.08 -3.33 -9.84
C TYR A 253 6.63 -3.51 -11.26
N ASP A 254 6.19 -2.70 -12.21
CA ASP A 254 6.52 -2.97 -13.60
C ASP A 254 8.04 -2.90 -13.83
N PRO A 255 8.64 -3.85 -14.55
CA PRO A 255 8.08 -5.12 -15.05
C PRO A 255 8.26 -6.19 -13.99
N ILE A 256 7.18 -6.84 -13.55
CA ILE A 256 7.26 -7.78 -12.44
C ILE A 256 8.23 -8.92 -12.72
N ASP A 257 8.38 -9.35 -13.97
CA ASP A 257 9.35 -10.42 -14.22
C ASP A 257 10.74 -10.02 -13.77
N TYR A 258 11.08 -8.74 -13.87
CA TYR A 258 12.37 -8.24 -13.39
C TYR A 258 12.35 -7.98 -11.89
N THR A 259 11.33 -7.27 -11.40
CA THR A 259 11.38 -6.82 -10.02
C THR A 259 11.23 -7.95 -9.03
N GLU A 260 10.48 -9.00 -9.34
CA GLU A 260 10.39 -10.15 -8.46
C GLU A 260 11.26 -11.32 -8.91
N ASN A 261 11.79 -11.29 -10.13
CA ASN A 261 12.81 -12.24 -10.57
C ASN A 261 12.31 -13.69 -10.54
N ALA A 262 11.07 -13.91 -10.98
CA ALA A 262 10.44 -15.22 -10.83
C ALA A 262 11.29 -16.34 -11.43
N ASP A 263 11.58 -16.25 -12.72
CA ASP A 263 12.28 -17.33 -13.41
C ASP A 263 13.79 -17.16 -13.41
N ASN A 264 14.31 -16.23 -12.61
CA ASN A 264 15.75 -16.02 -12.43
C ASN A 264 16.49 -15.93 -13.77
N ILE A 265 15.93 -15.15 -14.69
CA ILE A 265 16.55 -14.96 -16.00
C ILE A 265 16.78 -13.50 -16.35
N TYR A 266 16.07 -12.55 -15.74
CA TYR A 266 16.20 -11.13 -16.08
C TYR A 266 16.96 -10.45 -14.96
N SER A 267 18.24 -10.15 -15.21
CA SER A 267 19.11 -9.59 -14.20
C SER A 267 19.47 -8.13 -14.44
N GLN A 268 19.03 -7.54 -15.54
CA GLN A 268 19.36 -6.15 -15.88
C GLN A 268 18.10 -5.41 -16.31
N TRP A 269 18.17 -4.08 -16.29
CA TRP A 269 17.03 -3.23 -16.54
C TRP A 269 17.48 -1.89 -17.10
N GLY A 270 16.66 -1.31 -17.95
CA GLY A 270 16.89 0.05 -18.41
C GLY A 270 17.73 0.15 -19.66
N HIS A 271 18.09 1.39 -19.99
CA HIS A 271 18.71 1.67 -21.28
C HIS A 271 20.02 0.91 -21.49
N THR A 272 20.78 0.68 -20.43
CA THR A 272 22.09 0.08 -20.59
C THR A 272 22.06 -1.45 -20.51
N ALA A 273 20.91 -2.04 -20.25
CA ALA A 273 20.83 -3.48 -20.05
C ALA A 273 21.14 -4.25 -21.33
N ASP A 274 21.79 -5.38 -21.15
CA ASP A 274 21.99 -6.31 -22.25
C ASP A 274 20.65 -6.87 -22.67
N PRO A 275 20.29 -6.82 -23.96
CA PRO A 275 18.95 -7.29 -24.36
C PRO A 275 18.66 -8.73 -23.99
N SER A 276 19.70 -9.55 -23.85
CA SER A 276 19.50 -10.96 -23.51
C SER A 276 19.33 -11.20 -22.02
N LEU A 277 19.40 -10.14 -21.20
CA LEU A 277 19.32 -10.27 -19.75
C LEU A 277 18.22 -9.42 -19.14
N LYS A 278 17.30 -8.93 -19.95
CA LYS A 278 16.25 -8.02 -19.48
C LYS A 278 14.89 -8.46 -19.99
N ALA A 279 13.85 -8.04 -19.29
CA ALA A 279 12.48 -8.22 -19.77
C ALA A 279 12.28 -7.42 -21.05
N ASP A 280 11.27 -7.80 -21.83
CA ASP A 280 11.07 -7.18 -23.14
C ASP A 280 10.22 -5.92 -23.08
N TRP A 281 9.96 -5.40 -21.89
CA TRP A 281 9.18 -4.17 -21.74
C TRP A 281 9.53 -3.57 -20.39
N GLY A 282 8.95 -2.41 -20.11
CA GLY A 282 8.95 -1.89 -18.75
C GLY A 282 10.15 -1.09 -18.32
N ASP A 283 10.86 -0.48 -19.27
CA ASP A 283 12.03 0.34 -18.96
C ASP A 283 11.64 1.75 -18.56
N GLU A 284 12.57 2.69 -18.64
CA GLU A 284 12.37 4.01 -18.06
C GLU A 284 11.12 4.70 -18.58
N ASP A 285 10.84 4.56 -19.88
N ASP A 285 10.84 4.55 -19.88
CA ASP A 285 9.68 5.24 -20.45
CA ASP A 285 9.69 5.22 -20.49
C ASP A 285 8.36 4.65 -19.98
C ASP A 285 8.37 4.67 -19.95
N ASN A 286 8.35 3.41 -19.49
CA ASN A 286 7.16 2.90 -18.85
C ASN A 286 6.95 3.52 -17.48
N VAL A 287 8.02 3.73 -16.72
CA VAL A 287 7.89 4.37 -15.42
C VAL A 287 7.28 5.76 -15.58
N THR A 288 7.89 6.58 -16.42
CA THR A 288 7.39 7.95 -16.57
C THR A 288 6.04 7.96 -17.28
N GLY A 289 5.83 7.06 -18.25
CA GLY A 289 4.56 7.02 -18.93
C GLY A 289 3.41 6.66 -18.02
N GLN A 290 3.62 5.67 -17.16
CA GLN A 290 2.58 5.26 -16.23
C GLN A 290 2.36 6.32 -15.17
N PHE A 291 3.42 6.88 -14.62
CA PHE A 291 3.25 7.90 -13.59
C PHE A 291 2.62 9.17 -14.18
N ALA A 292 2.89 9.46 -15.47
CA ALA A 292 2.26 10.60 -16.13
C ALA A 292 0.74 10.43 -16.19
N LYS A 293 0.25 9.20 -16.32
CA LYS A 293 -1.20 8.99 -16.31
C LYS A 293 -1.77 9.37 -14.96
N MET A 294 -1.09 8.97 -13.88
CA MET A 294 -1.55 9.31 -12.54
C MET A 294 -1.51 10.82 -12.32
N LYS A 295 -0.47 11.48 -12.84
CA LYS A 295 -0.36 12.92 -12.66
C LYS A 295 -1.46 13.66 -13.43
N GLU A 296 -1.75 13.21 -14.66
N GLU A 296 -1.74 13.24 -14.66
CA GLU A 296 -2.76 13.88 -15.47
CA GLU A 296 -2.77 13.91 -15.44
C GLU A 296 -4.16 13.67 -14.92
C GLU A 296 -4.15 13.70 -14.83
N THR A 297 -4.47 12.46 -14.45
CA THR A 297 -5.81 12.13 -14.03
C THR A 297 -6.10 12.58 -12.61
N PHE A 298 -5.12 12.47 -11.71
CA PHE A 298 -5.33 12.74 -10.29
C PHE A 298 -4.56 13.95 -9.80
N ILE A 299 -3.23 13.91 -9.83
CA ILE A 299 -2.43 14.94 -9.18
C ILE A 299 -2.78 16.32 -9.70
N ASP A 300 -2.79 16.47 -11.02
CA ASP A 300 -3.05 17.77 -11.63
C ASP A 300 -4.50 18.22 -11.46
N GLN A 301 -5.39 17.32 -11.08
CA GLN A 301 -6.78 17.64 -10.78
C GLN A 301 -7.02 17.83 -9.29
N GLY A 302 -5.96 17.90 -8.49
CA GLY A 302 -6.08 18.15 -7.08
C GLY A 302 -6.33 16.93 -6.23
N ILE A 303 -6.22 15.74 -6.80
CA ILE A 303 -6.51 14.50 -6.08
C ILE A 303 -5.18 13.85 -5.72
N PRO A 304 -4.89 13.65 -4.44
CA PRO A 304 -3.62 12.99 -4.07
C PRO A 304 -3.65 11.51 -4.40
N ALA A 305 -2.45 10.94 -4.54
CA ALA A 305 -2.31 9.53 -4.84
C ALA A 305 -0.99 9.04 -4.27
N TYR A 306 -0.92 7.74 -3.97
CA TYR A 306 0.30 7.16 -3.45
C TYR A 306 0.53 5.78 -4.05
N ILE A 307 1.80 5.39 -4.06
CA ILE A 307 2.22 4.09 -4.58
C ILE A 307 2.41 3.21 -3.34
N GLY A 308 1.36 2.47 -3.00
CA GLY A 308 1.34 1.71 -1.76
C GLY A 308 2.29 0.54 -1.73
N GLU A 309 2.71 0.04 -2.90
CA GLU A 309 3.73 -1.00 -3.01
C GLU A 309 4.53 -0.76 -4.28
N MET A 310 5.85 -0.92 -4.17
CA MET A 310 6.82 -0.90 -5.27
C MET A 310 8.05 -1.62 -4.74
N GLY A 311 9.03 -1.91 -5.61
CA GLY A 311 10.27 -2.46 -5.13
C GLY A 311 10.94 -3.34 -6.16
N CYS A 312 12.02 -4.00 -5.72
CA CYS A 312 12.81 -4.86 -6.60
C CYS A 312 13.67 -5.74 -5.70
N VAL A 313 13.74 -7.04 -6.01
CA VAL A 313 14.48 -7.96 -5.16
C VAL A 313 15.99 -7.83 -5.35
N HIS A 314 16.71 -8.24 -4.32
CA HIS A 314 18.16 -8.24 -4.25
C HIS A 314 18.78 -9.25 -5.19
N ARG A 315 19.94 -8.87 -5.75
CA ARG A 315 20.80 -9.77 -6.50
C ARG A 315 22.14 -9.86 -5.79
N ALA A 316 22.64 -11.09 -5.59
CA ALA A 316 23.92 -11.27 -4.93
C ALA A 316 25.08 -10.90 -5.84
N ASP A 317 24.88 -10.94 -7.15
CA ASP A 317 25.91 -10.58 -8.11
C ASP A 317 26.08 -9.06 -8.19
N ASP A 318 27.34 -8.60 -8.12
CA ASP A 318 27.63 -7.17 -8.06
C ASP A 318 27.06 -6.43 -9.27
N LEU A 319 27.28 -6.96 -10.48
CA LEU A 319 26.83 -6.26 -11.67
C LEU A 319 25.31 -6.16 -11.70
N SER A 320 24.63 -7.28 -11.44
CA SER A 320 23.17 -7.26 -11.43
C SER A 320 22.63 -6.32 -10.37
N GLU A 321 23.26 -6.28 -9.18
CA GLU A 321 22.74 -5.43 -8.11
C GLU A 321 22.80 -3.96 -8.49
N SER A 322 23.79 -3.56 -9.29
N SER A 322 23.79 -3.56 -9.29
CA SER A 322 23.86 -2.17 -9.75
CA SER A 322 23.86 -2.18 -9.76
C SER A 322 22.58 -1.78 -10.48
C SER A 322 22.57 -1.79 -10.46
N PHE A 323 22.04 -2.68 -11.31
CA PHE A 323 20.80 -2.40 -12.02
C PHE A 323 19.62 -2.28 -11.08
N ARG A 324 19.59 -3.11 -10.02
CA ARG A 324 18.51 -3.01 -9.04
C ARG A 324 18.50 -1.65 -8.35
N LEU A 325 19.68 -1.17 -7.94
CA LEU A 325 19.75 0.13 -7.29
C LEU A 325 19.36 1.24 -8.26
N TYR A 326 19.79 1.14 -9.52
CA TYR A 326 19.38 2.09 -10.52
C TYR A 326 17.86 2.10 -10.69
N TYR A 327 17.26 0.92 -10.82
CA TYR A 327 15.80 0.82 -10.94
C TYR A 327 15.12 1.52 -9.77
N LEU A 328 15.53 1.19 -8.54
CA LEU A 328 14.86 1.77 -7.37
C LEU A 328 15.06 3.26 -7.29
N GLU A 329 16.27 3.74 -7.61
CA GLU A 329 16.52 5.17 -7.61
C GLU A 329 15.68 5.85 -8.68
N TYR A 330 15.60 5.25 -9.87
CA TYR A 330 14.84 5.84 -10.96
C TYR A 330 13.36 5.92 -10.62
N VAL A 331 12.80 4.85 -10.05
CA VAL A 331 11.38 4.82 -9.73
C VAL A 331 11.07 5.79 -8.60
N CYS A 332 11.92 5.87 -7.58
CA CYS A 332 11.65 6.80 -6.49
C CYS A 332 11.73 8.26 -6.94
N LYS A 333 12.70 8.58 -7.79
N LYS A 333 12.72 8.59 -7.77
CA LYS A 333 12.80 9.94 -8.31
CA LYS A 333 12.79 9.95 -8.31
C LYS A 333 11.59 10.27 -9.19
C LYS A 333 11.55 10.26 -9.15
N ALA A 334 11.13 9.32 -10.01
CA ALA A 334 9.94 9.55 -10.81
C ALA A 334 8.72 9.71 -9.93
N ALA A 335 8.60 8.89 -8.88
CA ALA A 335 7.47 9.06 -7.96
C ALA A 335 7.43 10.47 -7.41
N LYS A 336 8.58 10.98 -6.94
CA LYS A 336 8.64 12.35 -6.44
C LYS A 336 8.23 13.34 -7.53
N ASP A 337 8.78 13.17 -8.73
CA ASP A 337 8.51 14.11 -9.82
C ASP A 337 7.04 14.13 -10.23
N TYR A 338 6.33 13.01 -10.09
CA TYR A 338 4.96 12.87 -10.55
C TYR A 338 3.95 12.92 -9.40
N GLY A 339 4.40 13.23 -8.18
CA GLY A 339 3.49 13.60 -7.11
C GLY A 339 3.01 12.51 -6.19
N MET A 340 3.69 11.37 -6.13
CA MET A 340 3.21 10.22 -5.34
C MET A 340 4.28 9.70 -4.39
N PRO A 341 3.98 9.51 -3.11
CA PRO A 341 4.95 8.87 -2.21
C PRO A 341 5.02 7.38 -2.49
N PRO A 342 6.24 6.82 -2.62
CA PRO A 342 6.38 5.37 -2.83
C PRO A 342 6.65 4.63 -1.54
N PHE A 343 6.05 3.43 -1.42
CA PHE A 343 6.23 2.55 -0.27
C PHE A 343 6.88 1.25 -0.74
N TYR A 344 8.12 1.03 -0.33
CA TYR A 344 8.89 -0.15 -0.71
C TYR A 344 8.29 -1.40 -0.07
N TRP A 345 8.20 -2.49 -0.83
CA TRP A 345 7.65 -3.75 -0.34
C TRP A 345 8.74 -4.60 0.32
N ASP A 346 8.67 -4.73 1.65
CA ASP A 346 9.67 -5.50 2.41
C ASP A 346 8.98 -6.71 3.03
N ALA A 347 9.12 -7.87 2.37
CA ALA A 347 8.53 -9.11 2.85
C ALA A 347 9.37 -9.77 3.94
N GLY A 348 10.52 -9.20 4.29
CA GLY A 348 11.31 -9.78 5.36
C GLY A 348 11.85 -11.14 4.97
N GLY A 349 11.80 -12.06 5.92
CA GLY A 349 12.50 -13.30 5.74
C GLY A 349 13.96 -13.18 6.17
N ASP A 350 14.77 -14.12 5.68
CA ASP A 350 16.17 -14.22 6.11
C ASP A 350 17.16 -13.58 5.14
N GLY A 351 16.67 -12.94 4.08
CA GLY A 351 17.55 -12.27 3.15
C GLY A 351 18.43 -13.18 2.32
N THR A 352 18.05 -14.44 2.17
CA THR A 352 18.76 -15.36 1.30
C THR A 352 17.95 -15.63 0.05
N GLY A 353 18.59 -16.25 -0.93
CA GLY A 353 17.90 -16.66 -2.13
C GLY A 353 17.86 -15.56 -3.18
N THR A 354 17.11 -15.85 -4.23
CA THR A 354 17.09 -15.01 -5.42
C THR A 354 15.85 -14.13 -5.52
N GLN A 355 14.99 -14.13 -4.49
CA GLN A 355 13.77 -13.33 -4.52
C GLN A 355 13.55 -12.63 -3.19
N SER A 356 14.61 -12.09 -2.60
CA SER A 356 14.51 -11.46 -1.29
C SER A 356 14.27 -9.97 -1.42
N TRP A 357 13.17 -9.52 -0.82
CA TRP A 357 12.83 -8.11 -0.73
C TRP A 357 13.36 -7.47 0.54
N ALA A 358 13.95 -8.25 1.45
CA ALA A 358 14.19 -7.75 2.80
C ALA A 358 15.30 -6.71 2.84
N LEU A 359 15.05 -5.62 3.54
CA LEU A 359 16.06 -4.65 3.92
C LEU A 359 16.38 -4.70 5.40
N PHE A 360 15.40 -5.07 6.24
CA PHE A 360 15.60 -5.18 7.67
C PHE A 360 15.08 -6.52 8.17
N ASN A 361 15.71 -7.05 9.21
CA ASN A 361 15.07 -8.09 10.00
C ASN A 361 13.89 -7.45 10.72
N HIS A 362 12.68 -8.01 10.54
CA HIS A 362 11.47 -7.39 11.03
C HIS A 362 11.34 -7.43 12.55
N ALA A 363 12.15 -8.22 13.24
CA ALA A 363 12.11 -8.29 14.69
C ALA A 363 13.27 -7.57 15.36
N THR A 364 14.48 -7.66 14.83
CA THR A 364 15.61 -6.97 15.46
C THR A 364 15.82 -5.57 14.92
N GLY A 365 15.32 -5.26 13.73
CA GLY A 365 15.56 -3.99 13.09
C GLY A 365 16.92 -3.85 12.45
N GLU A 366 17.74 -4.89 12.45
CA GLU A 366 19.05 -4.80 11.82
C GLU A 366 18.91 -4.76 10.32
N MET A 367 19.73 -3.93 9.68
CA MET A 367 19.81 -3.93 8.22
C MET A 367 20.47 -5.22 7.74
N LEU A 368 19.98 -5.73 6.61
CA LEU A 368 20.49 -6.94 6.01
C LEU A 368 21.27 -6.64 4.75
N ASN A 369 22.40 -7.32 4.57
CA ASN A 369 23.19 -7.24 3.33
C ASN A 369 23.47 -5.78 3.01
N ASN A 370 23.25 -5.33 1.78
CA ASN A 370 23.55 -3.97 1.34
C ASN A 370 22.36 -3.04 1.47
N ALA A 371 21.50 -3.27 2.45
CA ALA A 371 20.30 -2.45 2.59
C ALA A 371 20.64 -0.97 2.69
N GLN A 372 21.74 -0.61 3.36
CA GLN A 372 22.06 0.81 3.52
C GLN A 372 22.17 1.49 2.16
N GLU A 373 22.82 0.82 1.20
CA GLU A 373 23.00 1.41 -0.12
C GLU A 373 21.68 1.53 -0.86
N VAL A 374 20.80 0.55 -0.69
CA VAL A 374 19.48 0.61 -1.30
C VAL A 374 18.67 1.76 -0.72
N ILE A 375 18.64 1.87 0.61
CA ILE A 375 17.92 2.94 1.27
C ILE A 375 18.45 4.29 0.83
N ASP A 376 19.78 4.41 0.71
CA ASP A 376 20.36 5.69 0.31
C ASP A 376 19.90 6.13 -1.06
N VAL A 377 19.79 5.21 -2.02
CA VAL A 377 19.37 5.65 -3.36
C VAL A 377 17.89 6.02 -3.39
N MET A 378 17.07 5.33 -2.59
CA MET A 378 15.64 5.69 -2.53
C MET A 378 15.46 7.04 -1.87
N LYS A 379 16.21 7.30 -0.79
CA LYS A 379 16.12 8.59 -0.12
C LYS A 379 16.56 9.72 -1.05
N ARG A 380 17.57 9.46 -1.88
N ARG A 380 17.60 9.48 -1.86
CA ARG A 380 18.02 10.49 -2.81
CA ARG A 380 18.02 10.48 -2.82
C ARG A 380 16.92 10.88 -3.78
C ARG A 380 16.86 10.90 -3.72
N GLY A 381 16.09 9.92 -4.20
CA GLY A 381 15.02 10.24 -5.13
C GLY A 381 13.93 11.09 -4.49
N ILE A 382 13.65 10.87 -3.20
CA ILE A 382 12.55 11.55 -2.54
C ILE A 382 13.00 12.88 -1.93
N PHE A 383 14.16 12.92 -1.29
CA PHE A 383 14.55 14.05 -0.46
C PHE A 383 15.59 14.96 -1.11
N THR A 384 16.13 14.61 -2.27
CA THR A 384 17.18 15.38 -2.93
C THR A 384 16.68 15.92 -4.26
N VAL A 385 16.96 17.19 -4.52
CA VAL A 385 16.55 17.81 -5.79
C VAL A 385 17.48 17.40 -6.93
#